data_5WFT
#
_entry.id   5WFT
#
_cell.length_a   61.140
_cell.length_b   61.140
_cell.length_c   217.750
_cell.angle_alpha   90.00
_cell.angle_beta   90.00
_cell.angle_gamma   120.00
#
_symmetry.space_group_name_H-M   'P 65 2 2'
#
_entity_poly.entity_id   1
_entity_poly.type   'polypeptide(L)'
_entity_poly.pdbx_seq_one_letter_code
;EDRTLLADLARLGEWTGNGPRALGFWKQLLAGADDPALREHAWRLSLQ(MSE)FDFDSAIELLAPIGAQRQ(MSE)TDEE
LDALVYSHETRGTPEEGEAWLRGYVQRYPKQRLAWQRLQQILEHTQ
;
_entity_poly.pdbx_strand_id   A
#
# COMPACT_ATOMS: atom_id res chain seq x y z
N GLU A 1 -7.12 -0.33 -7.27
CA GLU A 1 -7.62 -1.24 -8.30
C GLU A 1 -7.32 -0.73 -9.68
N ASP A 2 -7.67 -1.54 -10.68
CA ASP A 2 -7.44 -1.14 -12.05
C ASP A 2 -8.74 -0.57 -12.64
N ARG A 3 -9.35 -1.27 -13.60
CA ARG A 3 -10.49 -0.72 -14.32
C ARG A 3 -11.76 -0.67 -13.46
N THR A 4 -11.84 -1.51 -12.43
CA THR A 4 -13.03 -1.51 -11.58
C THR A 4 -13.11 -0.25 -10.71
N LEU A 5 -11.97 0.39 -10.42
CA LEU A 5 -11.86 1.21 -9.21
C LEU A 5 -12.89 2.33 -9.15
N LEU A 6 -13.13 3.04 -10.26
CA LEU A 6 -14.11 4.13 -10.22
C LEU A 6 -15.53 3.59 -10.03
N ALA A 7 -15.90 2.56 -10.81
CA ALA A 7 -17.17 1.88 -10.56
C ALA A 7 -17.26 1.39 -9.13
N ASP A 8 -16.13 0.92 -8.56
CA ASP A 8 -16.13 0.47 -7.16
C ASP A 8 -16.35 1.62 -6.19
N LEU A 9 -15.66 2.74 -6.41
CA LEU A 9 -15.81 3.88 -5.52
C LEU A 9 -17.21 4.46 -5.59
N ALA A 10 -17.83 4.43 -6.77
CA ALA A 10 -19.14 5.08 -6.94
C ALA A 10 -20.23 4.40 -6.14
N ARG A 11 -20.02 3.15 -5.70
CA ARG A 11 -20.99 2.47 -4.84
C ARG A 11 -20.85 2.88 -3.39
N LEU A 12 -19.70 3.37 -2.95
CA LEU A 12 -19.50 3.75 -1.55
C LEU A 12 -20.09 5.12 -1.31
N GLY A 13 -20.78 5.25 -0.16
CA GLY A 13 -21.32 6.54 0.23
C GLY A 13 -20.24 7.53 0.63
N GLU A 14 -19.12 7.04 1.16
CA GLU A 14 -17.98 7.84 1.57
C GLU A 14 -17.12 8.30 0.39
N TRP A 15 -17.48 7.98 -0.83
CA TRP A 15 -16.78 8.54 -1.99
C TRP A 15 -17.49 9.86 -2.31
N THR A 16 -16.79 10.96 -2.12
CA THR A 16 -17.42 12.27 -2.26
C THR A 16 -17.23 12.89 -3.65
N GLY A 17 -16.55 12.20 -4.58
CA GLY A 17 -16.55 12.58 -5.98
C GLY A 17 -15.25 13.14 -6.52
N ASN A 18 -14.23 13.30 -5.67
CA ASN A 18 -12.99 13.95 -6.05
C ASN A 18 -11.82 13.19 -5.45
N GLY A 19 -10.91 12.72 -6.30
CA GLY A 19 -9.79 11.92 -5.86
C GLY A 19 -9.11 12.47 -4.63
N PRO A 20 -8.45 13.61 -4.78
CA PRO A 20 -7.69 14.18 -3.66
C PRO A 20 -8.48 14.42 -2.40
N ARG A 21 -9.58 15.18 -2.49
CA ARG A 21 -10.39 15.47 -1.32
C ARG A 21 -10.88 14.19 -0.64
N ALA A 22 -11.25 13.18 -1.43
CA ALA A 22 -11.62 11.91 -0.82
C ALA A 22 -10.47 11.33 0.00
N LEU A 23 -9.25 11.36 -0.54
CA LEU A 23 -8.12 10.73 0.17
C LEU A 23 -7.81 11.46 1.48
N GLY A 24 -7.79 12.79 1.47
CA GLY A 24 -7.54 13.52 2.70
C GLY A 24 -8.62 13.28 3.73
N PHE A 25 -9.88 13.28 3.30
CA PHE A 25 -10.99 12.91 4.16
C PHE A 25 -10.73 11.56 4.83
N TRP A 26 -10.49 10.54 4.01
CA TRP A 26 -10.33 9.19 4.55
C TRP A 26 -9.10 9.11 5.46
N LYS A 27 -8.02 9.77 5.08
CA LYS A 27 -6.87 9.86 5.97
C LYS A 27 -7.25 10.45 7.32
N GLN A 28 -8.11 11.48 7.34
CA GLN A 28 -8.55 12.05 8.60
C GLN A 28 -9.40 11.07 9.39
N LEU A 29 -10.36 10.41 8.73
CA LEU A 29 -11.17 9.39 9.42
C LEU A 29 -10.29 8.29 10.01
N LEU A 30 -9.32 7.82 9.23
CA LEU A 30 -8.45 6.74 9.69
C LEU A 30 -7.56 7.21 10.84
N ALA A 31 -7.24 8.51 10.88
CA ALA A 31 -6.39 9.02 11.95
C ALA A 31 -7.07 8.90 13.31
N GLY A 32 -8.40 8.82 13.33
CA GLY A 32 -9.15 8.76 14.57
C GLY A 32 -9.45 7.33 14.96
N ALA A 33 -9.84 6.52 13.98
CA ALA A 33 -10.04 5.09 14.19
C ALA A 33 -9.82 4.38 12.87
N ASP A 34 -9.13 3.25 12.92
CA ASP A 34 -8.89 2.49 11.72
C ASP A 34 -10.16 1.74 11.28
N ASP A 35 -10.27 1.50 9.98
CA ASP A 35 -11.33 0.78 9.27
C ASP A 35 -10.65 0.06 8.11
N PRO A 36 -10.59 -1.28 8.12
CA PRO A 36 -9.82 -1.98 7.07
C PRO A 36 -10.29 -1.69 5.65
N ALA A 37 -11.59 -1.78 5.38
CA ALA A 37 -12.10 -1.51 4.04
C ALA A 37 -11.79 -0.09 3.60
N LEU A 38 -12.01 0.90 4.47
CA LEU A 38 -11.70 2.28 4.11
C LEU A 38 -10.20 2.46 3.88
N ARG A 39 -9.37 1.79 4.69
CA ARG A 39 -7.93 1.80 4.46
C ARG A 39 -7.57 1.27 3.08
N GLU A 40 -8.27 0.23 2.62
CA GLU A 40 -7.98 -0.32 1.31
C GLU A 40 -8.44 0.61 0.19
N HIS A 41 -9.71 1.05 0.22
CA HIS A 41 -10.13 2.09 -0.71
C HIS A 41 -9.13 3.25 -0.72
N ALA A 42 -8.58 3.59 0.45
CA ALA A 42 -7.62 4.68 0.50
C ALA A 42 -6.37 4.37 -0.31
N TRP A 43 -5.80 3.17 -0.16
CA TRP A 43 -4.52 2.99 -0.84
C TRP A 43 -4.70 2.61 -2.30
N ARG A 44 -5.73 1.81 -2.62
CA ARG A 44 -6.14 1.67 -4.01
C ARG A 44 -6.18 3.04 -4.68
N LEU A 45 -6.89 4.00 -4.07
CA LEU A 45 -7.00 5.34 -4.64
C LEU A 45 -5.66 6.07 -4.68
N SER A 46 -4.83 5.89 -3.66
CA SER A 46 -3.48 6.43 -3.67
C SER A 46 -2.69 5.96 -4.90
N LEU A 47 -2.74 4.65 -5.19
CA LEU A 47 -2.07 4.15 -6.38
C LEU A 47 -2.66 4.77 -7.64
N GLN A 48 -4.00 4.78 -7.71
CA GLN A 48 -4.69 5.43 -8.82
C GLN A 48 -4.15 6.84 -9.06
N MSE A 49 -3.95 7.59 -8.00
CA MSE A 49 -3.53 8.96 -8.16
C MSE A 49 -2.02 9.15 -8.27
O MSE A 49 -1.56 10.28 -8.22
CB MSE A 49 -4.03 9.77 -6.99
CG MSE A 49 -5.52 9.93 -6.90
SE MSE A 49 -5.92 11.00 -5.33
CE MSE A 49 -5.64 9.68 -3.98
N PHE A 50 -1.26 8.05 -8.44
CA PHE A 50 0.20 8.15 -8.47
C PHE A 50 0.72 8.79 -7.19
N ASP A 51 -0.01 8.58 -6.09
CA ASP A 51 0.39 9.11 -4.79
C ASP A 51 1.03 7.97 -4.00
N PHE A 52 2.24 7.64 -4.41
CA PHE A 52 2.95 6.54 -3.78
C PHE A 52 3.35 6.89 -2.36
N ASP A 53 3.54 8.18 -2.06
CA ASP A 53 3.78 8.58 -0.68
C ASP A 53 2.62 8.15 0.21
N SER A 54 1.39 8.50 -0.18
CA SER A 54 0.22 8.12 0.60
C SER A 54 0.00 6.61 0.59
N ALA A 55 0.27 5.96 -0.54
CA ALA A 55 0.20 4.51 -0.59
C ALA A 55 1.09 3.89 0.49
N ILE A 56 2.33 4.38 0.63
CA ILE A 56 3.24 3.79 1.60
C ILE A 56 2.77 4.12 3.03
N GLU A 57 2.21 5.30 3.21
CA GLU A 57 1.73 5.70 4.53
C GLU A 57 0.56 4.85 4.97
N LEU A 58 -0.28 4.44 4.03
CA LEU A 58 -1.47 3.67 4.35
C LEU A 58 -1.20 2.18 4.40
N LEU A 59 -0.17 1.71 3.69
CA LEU A 59 0.12 0.29 3.56
C LEU A 59 1.06 -0.23 4.65
N ALA A 60 2.10 0.54 4.98
CA ALA A 60 3.12 0.09 5.94
C ALA A 60 2.56 -0.29 7.30
N PRO A 61 1.67 0.50 7.93
CA PRO A 61 1.13 0.10 9.24
C PRO A 61 0.47 -1.27 9.26
N ILE A 62 -0.07 -1.73 8.13
CA ILE A 62 -0.75 -3.02 8.09
C ILE A 62 0.20 -4.12 8.50
N GLY A 63 1.39 -4.14 7.90
CA GLY A 63 2.43 -5.10 8.15
C GLY A 63 3.20 -4.89 9.43
N ALA A 64 2.87 -3.85 10.17
CA ALA A 64 3.31 -3.76 11.55
C ALA A 64 2.34 -4.46 12.50
N GLN A 65 1.12 -4.76 12.06
CA GLN A 65 0.09 -5.35 12.92
C GLN A 65 -0.42 -6.71 12.45
N ARG A 66 0.00 -7.18 11.28
CA ARG A 66 -0.67 -8.32 10.65
C ARG A 66 0.16 -8.71 9.44
N GLN A 67 0.03 -9.97 9.02
CA GLN A 67 0.70 -10.38 7.79
C GLN A 67 -0.10 -9.88 6.59
N MSE A 68 0.58 -9.23 5.65
CA MSE A 68 -0.08 -8.65 4.49
C MSE A 68 -0.42 -9.69 3.43
O MSE A 68 0.25 -10.73 3.32
CB MSE A 68 0.76 -7.55 3.86
CG MSE A 68 1.08 -6.38 4.78
SE MSE A 68 2.61 -5.44 4.06
CE MSE A 68 2.48 -3.76 4.96
N THR A 69 -1.46 -9.40 2.66
CA THR A 69 -1.77 -10.18 1.48
C THR A 69 -0.74 -9.91 0.39
N ASP A 70 -0.65 -10.85 -0.56
CA ASP A 70 0.23 -10.65 -1.71
C ASP A 70 -0.08 -9.33 -2.41
N GLU A 71 -1.36 -9.01 -2.57
CA GLU A 71 -1.73 -7.75 -3.21
C GLU A 71 -1.27 -6.58 -2.36
N GLU A 72 -1.49 -6.67 -1.04
CA GLU A 72 -1.05 -5.61 -0.16
C GLU A 72 0.46 -5.45 -0.21
N LEU A 73 1.18 -6.56 -0.36
CA LEU A 73 2.64 -6.50 -0.30
C LEU A 73 3.22 -5.96 -1.60
N ASP A 74 2.68 -6.38 -2.74
CA ASP A 74 3.19 -5.87 -4.02
C ASP A 74 2.98 -4.38 -4.12
N ALA A 75 1.87 -3.90 -3.58
CA ALA A 75 1.53 -2.49 -3.66
C ALA A 75 2.59 -1.65 -2.96
N LEU A 76 2.93 -2.02 -1.72
CA LEU A 76 3.91 -1.28 -0.95
C LEU A 76 5.31 -1.39 -1.55
N VAL A 77 5.66 -2.55 -2.13
CA VAL A 77 6.96 -2.67 -2.76
C VAL A 77 7.01 -1.87 -4.06
N TYR A 78 5.96 -2.01 -4.88
CA TYR A 78 5.84 -1.23 -6.10
C TYR A 78 5.90 0.26 -5.82
N SER A 79 5.26 0.69 -4.74
CA SER A 79 5.21 2.11 -4.43
C SER A 79 6.60 2.62 -4.14
N HIS A 80 7.42 1.81 -3.45
CA HIS A 80 8.77 2.25 -3.11
C HIS A 80 9.63 2.35 -4.38
N GLU A 81 9.73 1.26 -5.15
CA GLU A 81 10.30 1.29 -6.48
C GLU A 81 9.87 2.51 -7.30
N THR A 82 8.57 2.68 -7.49
CA THR A 82 8.12 3.66 -8.48
C THR A 82 8.43 5.10 -8.08
N ARG A 83 8.74 5.39 -6.83
CA ARG A 83 8.88 6.80 -6.46
C ARG A 83 10.33 7.22 -6.20
N GLY A 84 11.30 6.41 -6.59
CA GLY A 84 12.66 6.63 -6.11
C GLY A 84 12.82 5.64 -4.98
N THR A 85 13.59 5.96 -3.96
CA THR A 85 13.41 5.29 -2.66
C THR A 85 13.52 3.75 -2.56
N PRO A 86 14.07 3.01 -3.54
CA PRO A 86 14.09 1.54 -3.40
C PRO A 86 15.01 1.06 -2.29
N GLU A 87 15.97 1.87 -1.85
CA GLU A 87 16.76 1.54 -0.67
C GLU A 87 15.87 1.29 0.53
N GLU A 88 15.00 2.25 0.87
CA GLU A 88 14.19 2.05 2.06
C GLU A 88 13.07 1.05 1.82
N GLY A 89 12.75 0.76 0.56
CA GLY A 89 11.95 -0.40 0.24
C GLY A 89 12.63 -1.70 0.65
N GLU A 90 13.85 -1.94 0.16
CA GLU A 90 14.61 -3.11 0.59
C GLU A 90 14.78 -3.14 2.11
N ALA A 91 15.13 -1.98 2.69
CA ALA A 91 15.15 -1.84 4.15
C ALA A 91 13.88 -2.38 4.79
N TRP A 92 12.70 -1.89 4.36
CA TRP A 92 11.47 -2.33 5.00
C TRP A 92 11.22 -3.81 4.78
N LEU A 93 11.56 -4.32 3.59
CA LEU A 93 11.31 -5.73 3.28
C LEU A 93 12.12 -6.64 4.18
N ARG A 94 13.43 -6.39 4.32
CA ARG A 94 14.18 -6.98 5.41
C ARG A 94 13.49 -6.63 6.71
N GLY A 95 13.28 -7.62 7.56
CA GLY A 95 12.57 -7.28 8.80
C GLY A 95 11.08 -7.44 8.73
N TYR A 96 10.46 -7.08 7.61
CA TYR A 96 9.14 -7.63 7.37
C TYR A 96 9.20 -9.14 7.22
N VAL A 97 10.23 -9.66 6.54
CA VAL A 97 10.38 -11.11 6.42
C VAL A 97 10.84 -11.77 7.69
N GLN A 98 11.05 -11.01 8.78
CA GLN A 98 11.43 -11.59 10.06
C GLN A 98 10.24 -11.79 10.99
N ARG A 99 9.36 -10.80 11.12
CA ARG A 99 7.97 -11.14 11.44
C ARG A 99 7.37 -11.77 10.19
N TYR A 100 6.27 -12.50 10.34
CA TYR A 100 5.59 -13.11 9.20
C TYR A 100 6.52 -13.77 8.17
N PRO A 101 7.47 -14.60 8.61
CA PRO A 101 8.48 -15.09 7.65
C PRO A 101 7.97 -16.15 6.69
N LYS A 102 6.65 -16.33 6.59
CA LYS A 102 6.12 -17.46 5.85
C LYS A 102 5.47 -17.07 4.53
N GLN A 103 5.38 -15.78 4.25
CA GLN A 103 4.85 -15.30 2.97
C GLN A 103 5.94 -15.40 1.90
N ARG A 104 5.82 -16.39 1.00
CA ARG A 104 6.91 -16.63 0.04
C ARG A 104 7.14 -15.42 -0.87
N LEU A 105 6.08 -14.70 -1.23
CA LEU A 105 6.22 -13.57 -2.16
C LEU A 105 7.10 -12.46 -1.58
N ALA A 106 7.15 -12.32 -0.25
CA ALA A 106 8.04 -11.32 0.33
C ALA A 106 9.51 -11.66 0.05
N TRP A 107 9.90 -12.92 0.25
CA TRP A 107 11.29 -13.32 -0.02
C TRP A 107 11.61 -13.21 -1.49
N GLN A 108 10.62 -13.47 -2.35
CA GLN A 108 10.87 -13.37 -3.78
C GLN A 108 11.14 -11.93 -4.22
N ARG A 109 10.43 -10.97 -3.61
CA ARG A 109 10.68 -9.58 -3.96
C ARG A 109 12.04 -9.13 -3.42
N LEU A 110 12.35 -9.52 -2.17
CA LEU A 110 13.65 -9.20 -1.59
C LEU A 110 14.78 -9.85 -2.38
N GLN A 111 14.60 -11.09 -2.84
CA GLN A 111 15.61 -11.72 -3.67
C GLN A 111 15.81 -10.97 -4.99
N GLN A 112 14.71 -10.59 -5.65
CA GLN A 112 14.76 -9.75 -6.84
C GLN A 112 15.56 -8.47 -6.60
N ILE A 113 15.25 -7.77 -5.51
CA ILE A 113 15.98 -6.53 -5.19
C ILE A 113 17.47 -6.79 -5.13
N LEU A 114 17.91 -7.80 -4.38
CA LEU A 114 19.34 -8.02 -4.25
C LEU A 114 19.95 -8.62 -5.51
N GLU A 115 19.14 -9.18 -6.41
CA GLU A 115 19.69 -9.57 -7.70
C GLU A 115 20.14 -8.36 -8.50
N HIS A 116 19.89 -7.14 -8.01
CA HIS A 116 20.60 -5.94 -8.46
C HIS A 116 21.99 -5.88 -7.82
N THR A 117 22.89 -6.70 -8.38
CA THR A 117 24.33 -6.61 -8.16
C THR A 117 24.92 -5.76 -9.28
N GLN A 118 25.73 -4.77 -8.90
CA GLN A 118 26.36 -3.80 -9.82
C GLN A 118 25.31 -3.01 -10.58
#